data_6VRR
#
_entry.id   6VRR
#
_cell.length_a   40.271
_cell.length_b   53.582
_cell.length_c   59.319
_cell.angle_alpha   90.000
_cell.angle_beta   90.000
_cell.angle_gamma   90.000
#
_symmetry.space_group_name_H-M   'P 21 21 21'
#
loop_
_entity.id
_entity.type
_entity.pdbx_description
1 polymer 'Sodium channel subunit beta-2'
2 non-polymer GLYCEROL
3 water water
#
_entity_poly.entity_id   1
_entity_poly.type   'polypeptide(L)'
_entity_poly.pdbx_seq_one_letter_code
;SNAMEVTVPATLNVLNGSDARLPCTFNSAYTVNHKQFSLNWTYQECNNCSEEMFLQFRMKIINLKLERFQDRVEFSGNPS
KYDVSVMLRNVQPEDEGIYNCYIMNPPDRHHGHGKIHLQVLMEEPPE
;
_entity_poly.pdbx_strand_id   A
#
# COMPACT_ATOMS: atom_id res chain seq x y z
N SER A 1 -19.14 -7.20 -12.78
CA SER A 1 -18.37 -7.54 -11.58
C SER A 1 -18.21 -6.30 -10.68
N ASN A 2 -18.20 -6.50 -9.36
CA ASN A 2 -17.94 -5.37 -8.47
C ASN A 2 -16.45 -5.12 -8.25
N ALA A 3 -15.57 -6.09 -8.52
CA ALA A 3 -14.16 -5.90 -8.13
C ALA A 3 -13.38 -5.13 -9.19
N MET A 4 -12.80 -4.02 -8.78
CA MET A 4 -11.87 -3.29 -9.61
C MET A 4 -10.63 -4.13 -9.81
N GLU A 5 -10.06 -4.05 -11.01
N GLU A 5 -10.04 -4.04 -11.00
CA GLU A 5 -8.79 -4.72 -11.26
CA GLU A 5 -8.78 -4.74 -11.27
C GLU A 5 -7.68 -3.96 -10.53
C GLU A 5 -7.65 -3.99 -10.58
N VAL A 6 -6.99 -4.68 -9.63
CA VAL A 6 -5.89 -4.12 -8.85
C VAL A 6 -4.76 -5.12 -8.97
N THR A 7 -3.58 -4.64 -9.33
CA THR A 7 -2.43 -5.51 -9.57
C THR A 7 -1.39 -5.25 -8.50
N VAL A 8 -1.08 -6.28 -7.72
CA VAL A 8 -0.03 -6.28 -6.70
C VAL A 8 0.65 -7.64 -6.72
N PRO A 9 1.89 -7.72 -6.21
CA PRO A 9 2.49 -9.04 -5.94
C PRO A 9 1.92 -9.67 -4.69
N ALA A 10 1.43 -10.91 -4.79
CA ALA A 10 0.83 -11.58 -3.65
C ALA A 10 1.87 -11.80 -2.56
N THR A 11 3.09 -12.14 -2.97
CA THR A 11 4.23 -12.29 -2.09
C THR A 11 5.34 -11.38 -2.60
N LEU A 12 5.95 -10.59 -1.73
CA LEU A 12 7.03 -9.68 -2.09
C LEU A 12 8.14 -9.93 -1.10
N ASN A 13 9.29 -10.39 -1.58
CA ASN A 13 10.44 -10.80 -0.74
C ASN A 13 11.51 -9.74 -0.92
N VAL A 14 11.91 -9.11 0.18
CA VAL A 14 12.87 -8.00 0.14
C VAL A 14 14.01 -8.24 1.13
N LEU A 15 15.19 -7.76 0.78
CA LEU A 15 16.35 -7.92 1.64
CA LEU A 15 16.36 -7.93 1.64
C LEU A 15 16.31 -6.96 2.82
N ASN A 16 16.63 -7.48 4.00
CA ASN A 16 16.75 -6.63 5.18
C ASN A 16 17.69 -5.48 4.88
N GLY A 17 17.25 -4.27 5.24
CA GLY A 17 18.01 -3.07 5.07
C GLY A 17 17.82 -2.38 3.74
N SER A 18 17.16 -3.02 2.79
N SER A 18 17.18 -3.02 2.77
CA SER A 18 16.94 -2.43 1.48
CA SER A 18 16.97 -2.38 1.48
C SER A 18 15.70 -1.53 1.49
C SER A 18 15.70 -1.56 1.47
N ASP A 19 15.54 -0.75 0.44
CA ASP A 19 14.31 0.04 0.25
C ASP A 19 13.34 -0.79 -0.57
N ALA A 20 12.14 -1.00 -0.05
CA ALA A 20 11.14 -1.86 -0.68
C ALA A 20 10.00 -1.03 -1.25
N ARG A 21 9.82 -1.11 -2.55
CA ARG A 21 8.64 -0.53 -3.17
C ARG A 21 7.56 -1.62 -3.22
N LEU A 22 6.39 -1.31 -2.69
N LEU A 22 6.37 -1.27 -2.73
CA LEU A 22 5.22 -2.17 -2.70
CA LEU A 22 5.19 -2.14 -2.70
C LEU A 22 4.39 -1.69 -3.88
C LEU A 22 4.28 -1.75 -3.86
N PRO A 23 4.44 -2.36 -5.04
CA PRO A 23 3.75 -1.85 -6.23
C PRO A 23 2.27 -2.14 -6.16
N CYS A 24 1.46 -1.15 -6.57
CA CYS A 24 0.02 -1.35 -6.63
C CYS A 24 -0.50 -0.42 -7.72
N THR A 25 -1.08 -1.02 -8.75
CA THR A 25 -1.73 -0.23 -9.78
C THR A 25 -3.14 -0.73 -9.93
N PHE A 26 -3.98 0.08 -10.58
CA PHE A 26 -5.37 -0.29 -10.77
C PHE A 26 -5.89 0.18 -12.10
N ASN A 27 -7.02 -0.40 -12.49
CA ASN A 27 -7.70 -0.01 -13.73
C ASN A 27 -9.06 0.62 -13.45
N SER A 28 -9.37 1.67 -14.22
CA SER A 28 -10.69 2.29 -14.18
C SER A 28 -10.90 3.04 -15.49
N ALA A 29 -12.14 3.03 -15.95
CA ALA A 29 -12.50 3.81 -17.13
C ALA A 29 -12.47 5.31 -16.86
N TYR A 30 -12.49 5.72 -15.61
CA TYR A 30 -12.70 7.10 -15.25
C TYR A 30 -11.39 7.77 -14.85
N THR A 31 -11.26 9.05 -15.20
N THR A 31 -11.28 9.06 -15.20
CA THR A 31 -10.17 9.87 -14.70
CA THR A 31 -10.21 9.89 -14.68
C THR A 31 -10.19 9.97 -13.18
C THR A 31 -10.19 9.82 -13.16
N VAL A 32 -9.00 10.00 -12.59
CA VAL A 32 -8.87 10.08 -11.15
C VAL A 32 -9.12 11.52 -10.70
N ASN A 33 -10.24 11.76 -10.02
CA ASN A 33 -10.59 13.10 -9.52
C ASN A 33 -10.05 13.23 -8.10
N HIS A 34 -9.03 14.07 -7.93
CA HIS A 34 -8.40 14.18 -6.61
C HIS A 34 -9.40 14.63 -5.55
N LYS A 35 -10.52 15.26 -5.94
CA LYS A 35 -11.52 15.65 -4.96
CA LYS A 35 -11.52 15.65 -4.96
C LYS A 35 -12.38 14.49 -4.47
N GLN A 36 -12.36 13.33 -5.17
CA GLN A 36 -13.23 12.22 -4.79
C GLN A 36 -12.50 10.91 -4.59
N PHE A 37 -11.34 10.72 -5.21
CA PHE A 37 -10.56 9.49 -5.15
C PHE A 37 -10.27 9.15 -3.71
N SER A 38 -10.29 7.87 -3.36
N SER A 38 -10.23 7.86 -3.42
CA SER A 38 -9.93 7.47 -2.00
CA SER A 38 -9.98 7.38 -2.10
C SER A 38 -9.04 6.25 -2.02
C SER A 38 -8.94 6.28 -2.12
N LEU A 39 -8.10 6.26 -1.10
CA LEU A 39 -7.11 5.21 -0.94
C LEU A 39 -6.88 5.00 0.53
N ASN A 40 -6.71 3.73 0.93
N ASN A 40 -6.81 3.74 0.93
CA ASN A 40 -6.43 3.36 2.32
CA ASN A 40 -6.30 3.40 2.24
C ASN A 40 -5.45 2.19 2.32
C ASN A 40 -5.31 2.29 2.11
N TRP A 41 -4.22 2.40 2.85
CA TRP A 41 -3.21 1.37 2.99
C TRP A 41 -3.15 1.00 4.46
N THR A 42 -3.22 -0.27 4.76
CA THR A 42 -3.10 -0.78 6.10
C THR A 42 -2.02 -1.85 6.18
N TYR A 43 -1.61 -2.10 7.40
CA TYR A 43 -0.64 -3.14 7.76
C TYR A 43 -1.22 -4.03 8.86
N GLN A 44 -0.97 -5.34 8.78
N GLN A 44 -1.01 -5.33 8.71
CA GLN A 44 -1.40 -6.31 9.79
CA GLN A 44 -1.30 -6.32 9.74
C GLN A 44 -0.21 -7.21 10.09
C GLN A 44 -0.02 -7.06 10.10
N GLU A 45 0.15 -7.33 11.38
N GLU A 45 0.14 -7.38 11.38
CA GLU A 45 1.28 -8.17 11.73
CA GLU A 45 1.29 -8.18 11.83
C GLU A 45 0.97 -9.64 11.45
C GLU A 45 1.03 -9.66 11.68
N CYS A 46 -0.22 -10.06 11.87
CA CYS A 46 -0.64 -11.46 11.79
C CYS A 46 -2.12 -11.49 11.39
N ASN A 47 -2.58 -12.68 10.98
CA ASN A 47 -3.98 -12.76 10.54
C ASN A 47 -4.95 -12.44 11.68
N ASN A 48 -4.56 -12.72 12.91
CA ASN A 48 -5.39 -12.48 14.08
C ASN A 48 -4.97 -11.23 14.83
N CYS A 49 -4.37 -10.29 14.12
CA CYS A 49 -3.93 -9.02 14.66
C CYS A 49 -4.72 -7.91 13.99
N SER A 50 -4.72 -6.75 14.62
CA SER A 50 -5.46 -5.65 14.05
C SER A 50 -4.83 -5.18 12.73
N GLU A 51 -5.68 -4.65 11.84
N GLU A 51 -5.65 -4.50 11.96
CA GLU A 51 -5.22 -3.91 10.67
CA GLU A 51 -5.24 -3.91 10.71
C GLU A 51 -5.02 -2.47 11.12
C GLU A 51 -5.10 -2.40 10.93
N GLU A 52 -3.87 -1.88 10.79
CA GLU A 52 -3.53 -0.50 11.16
C GLU A 52 -3.30 0.35 9.92
N MET A 53 -4.05 1.44 9.80
N MET A 53 -4.06 1.43 9.80
CA MET A 53 -3.87 2.34 8.68
CA MET A 53 -3.89 2.32 8.66
C MET A 53 -2.53 3.04 8.80
C MET A 53 -2.59 3.10 8.78
N PHE A 54 -1.84 3.19 7.69
CA PHE A 54 -0.61 3.94 7.67
C PHE A 54 -0.54 5.04 6.61
N LEU A 55 -1.40 5.01 5.57
CA LEU A 55 -1.41 6.06 4.55
C LEU A 55 -2.82 6.11 3.97
N GLN A 56 -3.31 7.30 3.68
CA GLN A 56 -4.63 7.52 3.10
C GLN A 56 -4.49 8.57 2.01
N PHE A 57 -5.43 8.56 1.05
CA PHE A 57 -5.63 9.71 0.17
C PHE A 57 -7.02 10.25 0.43
N ARG A 58 -7.08 11.49 0.93
CA ARG A 58 -8.31 12.27 1.10
C ARG A 58 -7.92 13.66 0.62
N MET A 59 -8.21 13.95 -0.65
CA MET A 59 -7.83 15.18 -1.33
CA MET A 59 -7.83 15.18 -1.33
C MET A 59 -6.36 15.26 -1.70
N LYS A 60 -5.51 14.65 -0.89
CA LYS A 60 -4.06 14.63 -1.04
CA LYS A 60 -4.06 14.61 -1.05
C LYS A 60 -3.58 13.42 -0.22
N ILE A 61 -2.32 13.09 -0.38
CA ILE A 61 -1.77 11.98 0.42
C ILE A 61 -1.66 12.40 1.87
N ILE A 62 -2.06 11.52 2.79
N ILE A 62 -2.12 11.52 2.77
CA ILE A 62 -1.90 11.73 4.22
CA ILE A 62 -1.95 11.63 4.21
C ILE A 62 -1.09 10.54 4.73
C ILE A 62 -1.05 10.49 4.64
N ASN A 63 0.10 10.81 5.25
CA ASN A 63 0.96 9.80 5.83
C ASN A 63 0.68 9.84 7.33
N LEU A 64 0.11 8.74 7.86
CA LEU A 64 -0.29 8.72 9.27
C LEU A 64 0.87 8.56 10.24
N LYS A 65 2.06 8.30 9.73
CA LYS A 65 3.25 8.18 10.58
C LYS A 65 3.06 7.08 11.62
N LEU A 66 2.63 5.90 11.16
N LEU A 66 2.62 5.91 11.16
CA LEU A 66 2.44 4.76 12.04
CA LEU A 66 2.46 4.77 12.05
C LEU A 66 3.78 4.47 12.71
C LEU A 66 3.79 4.47 12.72
N GLU A 67 3.78 4.40 14.05
CA GLU A 67 5.03 4.38 14.80
C GLU A 67 5.95 3.21 14.46
N ARG A 68 5.39 2.05 14.09
N ARG A 68 5.37 2.06 14.09
CA ARG A 68 6.24 0.91 13.79
CA ARG A 68 6.23 0.91 13.78
C ARG A 68 7.06 1.12 12.53
C ARG A 68 7.10 1.15 12.57
N PHE A 69 6.78 2.15 11.74
CA PHE A 69 7.56 2.42 10.56
C PHE A 69 8.43 3.67 10.70
N GLN A 70 8.49 4.29 11.87
CA GLN A 70 9.28 5.52 11.99
C GLN A 70 8.87 6.49 10.88
N ASP A 71 9.81 7.10 10.18
CA ASP A 71 9.54 7.98 9.06
C ASP A 71 9.99 7.30 7.77
N ARG A 72 9.85 5.97 7.73
CA ARG A 72 10.35 5.22 6.57
C ARG A 72 9.31 5.01 5.48
N VAL A 73 8.02 5.22 5.74
CA VAL A 73 7.00 5.15 4.70
C VAL A 73 7.03 6.39 3.83
N GLU A 74 6.88 6.18 2.52
CA GLU A 74 6.62 7.28 1.60
C GLU A 74 5.64 6.80 0.57
N PHE A 75 4.85 7.72 0.05
CA PHE A 75 4.07 7.40 -1.12
C PHE A 75 5.05 7.31 -2.28
N SER A 76 4.77 6.39 -3.20
CA SER A 76 5.66 6.13 -4.32
CA SER A 76 5.66 6.18 -4.33
C SER A 76 4.88 5.95 -5.62
N GLY A 77 3.69 6.51 -5.70
CA GLY A 77 2.89 6.41 -6.90
C GLY A 77 2.45 7.78 -7.38
N ASN A 78 1.33 7.78 -8.09
CA ASN A 78 0.74 8.99 -8.63
C ASN A 78 -0.67 8.58 -8.98
N PRO A 79 -1.68 8.97 -8.22
CA PRO A 79 -3.05 8.49 -8.50
C PRO A 79 -3.52 8.82 -9.91
N SER A 80 -3.09 9.94 -10.48
CA SER A 80 -3.52 10.27 -11.83
C SER A 80 -3.00 9.27 -12.86
N LYS A 81 -1.89 8.58 -12.57
N LYS A 81 -1.89 8.58 -12.58
CA LYS A 81 -1.35 7.51 -13.40
CA LYS A 81 -1.36 7.50 -13.41
C LYS A 81 -1.86 6.13 -13.00
C LYS A 81 -1.83 6.13 -12.96
N TYR A 82 -2.87 6.07 -12.14
CA TYR A 82 -3.43 4.80 -11.69
C TYR A 82 -2.43 3.96 -10.89
N ASP A 83 -1.56 4.63 -10.14
CA ASP A 83 -0.48 3.98 -9.40
C ASP A 83 -0.55 4.47 -7.95
N VAL A 84 -0.77 3.54 -7.01
CA VAL A 84 -0.87 3.92 -5.61
C VAL A 84 0.17 3.21 -4.76
N SER A 85 1.31 2.90 -5.39
CA SER A 85 2.39 2.23 -4.71
C SER A 85 2.92 3.03 -3.53
N VAL A 86 3.50 2.30 -2.59
CA VAL A 86 4.16 2.90 -1.43
C VAL A 86 5.60 2.38 -1.37
N MET A 87 6.45 3.08 -0.65
CA MET A 87 7.86 2.76 -0.46
C MET A 87 8.09 2.63 1.04
N LEU A 88 8.79 1.60 1.43
CA LEU A 88 9.24 1.41 2.80
C LEU A 88 10.78 1.41 2.75
N ARG A 89 11.36 2.51 3.22
CA ARG A 89 12.81 2.62 3.21
C ARG A 89 13.40 1.75 4.31
N ASN A 90 14.63 1.27 4.07
N ASN A 90 14.65 1.29 4.09
CA ASN A 90 15.49 0.74 5.13
CA ASN A 90 15.46 0.63 5.12
C ASN A 90 14.74 -0.32 5.92
C ASN A 90 14.63 -0.39 5.89
N VAL A 91 14.29 -1.36 5.18
N VAL A 91 14.09 -1.36 5.14
CA VAL A 91 13.41 -2.38 5.72
CA VAL A 91 13.22 -2.35 5.75
C VAL A 91 14.05 -3.07 6.92
C VAL A 91 13.97 -3.03 6.89
N GLN A 92 13.21 -3.37 7.91
CA GLN A 92 13.64 -4.12 9.09
C GLN A 92 12.80 -5.41 9.18
N PRO A 93 13.30 -6.43 9.88
CA PRO A 93 12.57 -7.71 9.93
C PRO A 93 11.12 -7.56 10.37
N GLU A 94 10.87 -6.63 11.29
CA GLU A 94 9.52 -6.44 11.83
C GLU A 94 8.54 -5.89 10.80
N ASP A 95 9.04 -5.39 9.66
CA ASP A 95 8.14 -4.93 8.60
C ASP A 95 7.41 -6.09 7.90
N GLU A 96 7.87 -7.32 8.08
CA GLU A 96 7.15 -8.48 7.56
CA GLU A 96 7.15 -8.48 7.56
C GLU A 96 5.70 -8.41 8.00
N GLY A 97 4.80 -8.76 7.10
CA GLY A 97 3.39 -8.76 7.43
C GLY A 97 2.54 -8.63 6.19
N ILE A 98 1.26 -8.31 6.42
N ILE A 98 1.27 -8.28 6.42
CA ILE A 98 0.26 -8.22 5.37
CA ILE A 98 0.26 -8.23 5.37
C ILE A 98 -0.07 -6.76 5.15
C ILE A 98 -0.15 -6.78 5.14
N TYR A 99 0.07 -6.31 3.92
CA TYR A 99 -0.23 -4.93 3.54
C TYR A 99 -1.45 -4.95 2.64
N ASN A 100 -2.46 -4.18 2.96
CA ASN A 100 -3.70 -4.13 2.18
C ASN A 100 -3.88 -2.73 1.61
N CYS A 101 -4.29 -2.65 0.36
CA CYS A 101 -4.60 -1.39 -0.27
CA CYS A 101 -4.57 -1.38 -0.36
C CYS A 101 -6.02 -1.43 -0.78
N TYR A 102 -6.83 -0.48 -0.37
CA TYR A 102 -8.24 -0.35 -0.72
C TYR A 102 -8.42 0.93 -1.53
N ILE A 103 -9.16 0.84 -2.65
CA ILE A 103 -9.23 1.91 -3.63
C ILE A 103 -10.66 2.14 -4.07
N MET A 104 -11.07 3.41 -4.17
CA MET A 104 -12.34 3.78 -4.79
CA MET A 104 -12.33 3.77 -4.81
C MET A 104 -12.08 4.99 -5.68
N ASN A 105 -12.60 4.97 -6.91
CA ASN A 105 -12.36 6.03 -7.89
C ASN A 105 -13.68 6.54 -8.44
N PRO A 106 -14.41 7.35 -7.68
CA PRO A 106 -15.74 7.79 -8.15
C PRO A 106 -15.64 8.48 -9.48
N PRO A 107 -16.62 8.28 -10.38
CA PRO A 107 -17.87 7.55 -10.16
C PRO A 107 -17.83 6.07 -10.52
N ASP A 108 -16.66 5.49 -10.67
CA ASP A 108 -16.57 4.06 -10.92
C ASP A 108 -17.24 3.33 -9.76
N ARG A 109 -18.09 2.36 -10.11
N ARG A 109 -18.08 2.35 -10.09
CA ARG A 109 -18.78 1.54 -9.12
CA ARG A 109 -18.77 1.57 -9.10
C ARG A 109 -17.91 0.43 -8.57
C ARG A 109 -17.96 0.36 -8.63
N HIS A 110 -16.80 0.10 -9.24
CA HIS A 110 -15.97 -1.03 -8.82
C HIS A 110 -15.08 -0.64 -7.64
N HIS A 111 -14.96 -1.56 -6.69
CA HIS A 111 -14.18 -1.36 -5.47
CA HIS A 111 -14.16 -1.35 -5.48
C HIS A 111 -12.90 -2.19 -5.57
N GLY A 112 -11.77 -1.59 -5.20
CA GLY A 112 -10.46 -2.22 -5.33
C GLY A 112 -9.89 -2.66 -4.01
N HIS A 113 -9.19 -3.81 -4.02
N HIS A 113 -9.26 -3.83 -4.01
CA HIS A 113 -8.51 -4.34 -2.83
CA HIS A 113 -8.50 -4.35 -2.89
C HIS A 113 -7.34 -5.21 -3.25
C HIS A 113 -7.31 -5.13 -3.43
N GLY A 114 -6.12 -4.73 -3.03
CA GLY A 114 -4.91 -5.51 -3.22
C GLY A 114 -4.31 -5.92 -1.88
N LYS A 115 -3.68 -7.10 -1.87
CA LYS A 115 -3.05 -7.66 -0.68
C LYS A 115 -1.65 -8.15 -1.00
N ILE A 116 -0.66 -7.67 -0.24
CA ILE A 116 0.73 -8.07 -0.41
C ILE A 116 1.21 -8.68 0.88
N HIS A 117 1.80 -9.86 0.80
CA HIS A 117 2.51 -10.46 1.91
C HIS A 117 3.98 -10.13 1.77
N LEU A 118 4.48 -9.22 2.63
CA LEU A 118 5.87 -8.80 2.59
C LEU A 118 6.68 -9.71 3.51
N GLN A 119 7.75 -10.28 2.95
CA GLN A 119 8.71 -11.09 3.69
C GLN A 119 10.08 -10.45 3.61
N VAL A 120 10.84 -10.56 4.70
CA VAL A 120 12.14 -9.93 4.83
C VAL A 120 13.21 -11.02 4.89
N LEU A 121 14.13 -10.96 3.95
CA LEU A 121 15.19 -11.94 3.80
C LEU A 121 16.50 -11.46 4.40
N MET A 122 17.38 -12.42 4.70
CA MET A 122 18.73 -12.12 5.17
C MET A 122 19.43 -11.22 4.18
N GLU A 123 20.19 -10.25 4.70
CA GLU A 123 21.01 -9.44 3.81
C GLU A 123 22.15 -10.27 3.19
N GLU A 124 22.71 -11.19 3.95
CA GLU A 124 23.84 -12.03 3.49
C GLU A 124 23.55 -13.49 3.81
N PRO A 125 22.73 -14.15 2.99
CA PRO A 125 22.41 -15.57 3.24
C PRO A 125 23.60 -16.47 3.01
N PRO A 126 23.61 -17.69 3.58
CA PRO A 126 24.64 -18.65 3.22
C PRO A 126 24.63 -18.93 1.72
N GLU A 127 25.81 -18.97 1.13
CA GLU A 127 26.00 -19.11 -0.31
C GLU A 127 27.33 -19.84 -0.50
#